data_2FG1
#
_entry.id   2FG1
#
_cell.length_a   62.172
_cell.length_b   62.172
_cell.length_c   36.505
_cell.angle_alpha   90.00
_cell.angle_beta   90.00
_cell.angle_gamma   90.00
#
_symmetry.space_group_name_H-M   'P 43'
#
loop_
_entity.id
_entity.type
_entity.pdbx_description
1 polymer 'conserved hypothetical protein BT1257'
2 water water
#
_entity_poly.entity_id   1
_entity_poly.type   'polypeptide(L)'
_entity_poly.pdbx_seq_one_letter_code
;SNA(MSE)EILYIKGDATAPIGSGVKVITHICNDIGGWGKGFVLALSKKWK(MSE)PEEAYRQWYKSQEEFTLGAVQFVN
VENKLYVAN(MSE)IGQHGIYKDSKGLPPIRYDAVRQCLKEVALFTIAHKASVH(MSE)PRIGCGLAGGKWEL(MSE)EQ
IIKEELITKEIAVTVYDL
;
_entity_poly.pdbx_strand_id   A
#
# COMPACT_ATOMS: atom_id res chain seq x y z
N ASN A 2 4.11 23.35 -1.05
CA ASN A 2 5.41 22.71 -0.69
C ASN A 2 5.56 22.51 0.82
N ALA A 3 4.43 22.35 1.52
CA ALA A 3 4.48 22.27 2.98
C ALA A 3 4.86 20.89 3.48
N GLU A 5 6.48 16.84 3.11
CA GLU A 5 7.65 16.12 2.61
C GLU A 5 7.52 14.71 3.15
N ILE A 6 7.94 13.70 2.39
CA ILE A 6 7.94 12.34 2.92
C ILE A 6 8.84 12.26 4.15
N LEU A 7 8.35 11.62 5.20
CA LEU A 7 9.13 11.36 6.40
C LEU A 7 9.65 9.92 6.34
N TYR A 8 10.95 9.74 6.55
CA TYR A 8 11.55 8.41 6.64
C TYR A 8 12.02 8.19 8.06
N ILE A 9 11.59 7.08 8.66
CA ILE A 9 12.01 6.73 10.01
C ILE A 9 12.29 5.24 10.10
N LYS A 10 12.98 4.84 11.16
CA LYS A 10 13.12 3.44 11.51
C LYS A 10 11.80 2.94 12.08
N GLY A 11 11.45 1.71 11.77
CA GLY A 11 10.33 1.10 12.42
C GLY A 11 9.53 0.18 11.55
N ASP A 12 8.30 -0.06 11.98
CA ASP A 12 7.43 -1.07 11.40
C ASP A 12 6.14 -0.34 11.06
N ALA A 13 5.77 -0.32 9.78
CA ALA A 13 4.57 0.40 9.36
C ALA A 13 3.29 -0.16 9.98
N THR A 14 3.36 -1.37 10.53
CA THR A 14 2.17 -1.91 11.23
C THR A 14 2.03 -1.33 12.64
N ALA A 15 3.02 -0.54 13.06
CA ALA A 15 2.96 0.20 14.31
C ALA A 15 3.15 1.70 14.01
N PRO A 16 2.17 2.30 13.30
CA PRO A 16 2.39 3.65 12.77
C PRO A 16 2.41 4.74 13.83
N ILE A 17 3.23 5.76 13.60
CA ILE A 17 3.43 6.84 14.55
C ILE A 17 2.33 7.89 14.51
N GLY A 18 2.33 8.78 15.50
CA GLY A 18 1.55 10.00 15.44
C GLY A 18 0.11 9.80 15.84
N SER A 19 -0.71 10.76 15.44
CA SER A 19 -2.08 10.82 15.89
C SER A 19 -3.03 10.88 14.70
N GLY A 20 -4.33 10.89 15.01
CA GLY A 20 -5.36 11.03 13.99
C GLY A 20 -5.65 9.72 13.25
N VAL A 21 -6.43 9.85 12.19
CA VAL A 21 -6.78 8.71 11.36
C VAL A 21 -5.58 8.34 10.48
N LYS A 22 -5.29 7.04 10.37
CA LYS A 22 -4.11 6.55 9.67
CA LYS A 22 -4.12 6.57 9.65
C LYS A 22 -4.48 5.47 8.67
N VAL A 23 -3.81 5.47 7.52
CA VAL A 23 -4.00 4.44 6.50
C VAL A 23 -2.63 3.82 6.22
N ILE A 24 -2.52 2.52 6.45
CA ILE A 24 -1.31 1.78 6.11
C ILE A 24 -1.48 1.25 4.69
N THR A 25 -0.59 1.65 3.78
CA THR A 25 -0.71 1.28 2.36
C THR A 25 0.37 0.28 2.00
N HIS A 26 0.00 -0.77 1.25
CA HIS A 26 1.00 -1.71 0.78
C HIS A 26 0.55 -2.31 -0.56
N ILE A 27 1.52 -2.87 -1.28
CA ILE A 27 1.27 -3.38 -2.64
C ILE A 27 1.01 -4.88 -2.62
N CYS A 28 -0.17 -5.23 -3.14
CA CYS A 28 -0.59 -6.60 -3.31
C CYS A 28 -0.46 -7.02 -4.77
N ASN A 29 -0.39 -8.31 -4.98
CA ASN A 29 -0.40 -8.84 -6.34
C ASN A 29 -1.81 -9.14 -6.86
N ASP A 30 -1.89 -9.40 -8.15
CA ASP A 30 -3.17 -9.63 -8.82
C ASP A 30 -3.54 -11.11 -8.99
N ILE A 31 -2.88 -11.99 -8.24
CA ILE A 31 -3.21 -13.42 -8.31
C ILE A 31 -3.70 -14.00 -6.97
N GLY A 32 -3.92 -13.15 -5.98
CA GLY A 32 -4.42 -13.62 -4.69
C GLY A 32 -3.37 -14.18 -3.76
N GLY A 33 -2.08 -13.97 -4.07
CA GLY A 33 -1.01 -14.46 -3.19
C GLY A 33 -0.81 -13.58 -1.98
N TRP A 34 -0.68 -14.19 -0.80
CA TRP A 34 -0.42 -13.43 0.42
C TRP A 34 0.44 -14.30 1.31
N GLY A 35 1.76 -14.18 1.16
CA GLY A 35 2.65 -15.07 1.89
C GLY A 35 4.10 -14.66 2.04
N LYS A 36 4.46 -13.48 1.52
CA LYS A 36 5.86 -13.04 1.54
C LYS A 36 5.95 -11.57 1.88
N GLY A 37 6.89 -11.22 2.76
CA GLY A 37 7.21 -9.82 3.01
C GLY A 37 6.25 -9.10 3.94
N PHE A 38 5.88 -7.88 3.59
CA PHE A 38 5.10 -7.03 4.49
C PHE A 38 3.78 -7.66 4.92
N VAL A 39 3.16 -8.43 4.04
CA VAL A 39 1.88 -9.07 4.38
C VAL A 39 1.99 -9.96 5.62
N LEU A 40 3.17 -10.52 5.86
CA LEU A 40 3.37 -11.35 7.04
C LEU A 40 3.35 -10.50 8.32
N ALA A 41 3.92 -9.30 8.24
CA ALA A 41 3.84 -8.36 9.35
C ALA A 41 2.40 -7.93 9.64
N LEU A 42 1.64 -7.67 8.58
CA LEU A 42 0.23 -7.33 8.74
C LEU A 42 -0.53 -8.44 9.43
N SER A 43 -0.37 -9.68 8.95
CA SER A 43 -1.16 -10.80 9.47
C SER A 43 -0.79 -11.21 10.90
N LYS A 44 0.45 -10.90 11.30
N LYS A 44 0.44 -10.90 11.33
CA LYS A 44 0.88 -11.06 12.68
CA LYS A 44 0.86 -11.15 12.71
C LYS A 44 -0.03 -10.24 13.60
C LYS A 44 0.15 -10.24 13.70
N LYS A 45 -0.36 -9.02 13.18
N LYS A 45 -0.42 -9.15 13.21
CA LYS A 45 -1.12 -8.09 14.02
CA LYS A 45 -1.17 -8.24 14.07
C LYS A 45 -2.65 -8.12 13.83
C LYS A 45 -2.69 -8.35 13.86
N TRP A 46 -3.10 -8.34 12.60
CA TRP A 46 -4.53 -8.29 12.26
C TRP A 46 -4.85 -9.32 11.20
N LYS A 47 -5.92 -10.07 11.42
N LYS A 47 -5.93 -10.06 11.39
CA LYS A 47 -6.40 -11.04 10.43
CA LYS A 47 -6.36 -11.00 10.36
C LYS A 47 -7.19 -10.37 9.29
C LYS A 47 -7.24 -10.35 9.29
N PRO A 49 -6.95 -7.58 7.13
CA PRO A 49 -6.47 -7.26 5.77
C PRO A 49 -6.33 -8.48 4.87
N GLU A 50 -5.73 -9.54 5.40
CA GLU A 50 -5.56 -10.77 4.63
C GLU A 50 -6.90 -11.39 4.24
N GLU A 51 -7.80 -11.50 5.21
CA GLU A 51 -9.09 -12.16 4.94
C GLU A 51 -9.92 -11.37 3.91
N ALA A 52 -9.91 -10.05 4.04
CA ALA A 52 -10.62 -9.21 3.09
C ALA A 52 -10.03 -9.37 1.69
N TYR A 53 -8.70 -9.41 1.61
CA TYR A 53 -8.03 -9.57 0.32
C TYR A 53 -8.34 -10.93 -0.32
N ARG A 54 -8.29 -11.99 0.47
CA ARG A 54 -8.56 -13.32 -0.06
C ARG A 54 -10.01 -13.46 -0.53
N GLN A 55 -10.95 -12.83 0.20
CA GLN A 55 -12.34 -12.80 -0.26
C GLN A 55 -12.49 -11.98 -1.52
N TRP A 56 -11.76 -10.87 -1.59
CA TRP A 56 -11.77 -10.06 -2.80
C TRP A 56 -11.29 -10.84 -4.03
N TYR A 57 -10.21 -11.60 -3.87
CA TYR A 57 -9.70 -12.43 -4.96
C TYR A 57 -10.77 -13.38 -5.46
N LYS A 58 -11.46 -14.04 -4.54
CA LYS A 58 -12.50 -14.98 -4.94
C LYS A 58 -13.72 -14.34 -5.57
N SER A 59 -14.06 -13.13 -5.13
CA SER A 59 -15.21 -12.42 -5.69
C SER A 59 -14.97 -12.01 -7.14
N GLN A 60 -13.70 -11.72 -7.46
CA GLN A 60 -13.30 -11.15 -8.75
C GLN A 60 -14.09 -9.89 -9.11
N GLU A 61 -14.47 -9.15 -8.08
N GLU A 61 -14.49 -9.17 -8.08
CA GLU A 61 -15.16 -7.89 -8.26
CA GLU A 61 -15.16 -7.88 -8.20
C GLU A 61 -14.18 -6.74 -8.19
C GLU A 61 -14.10 -6.80 -8.20
N GLU A 62 -13.85 -6.22 -9.36
CA GLU A 62 -12.81 -5.19 -9.53
CA GLU A 62 -12.80 -5.21 -9.54
C GLU A 62 -11.49 -5.62 -8.89
N PHE A 63 -11.10 -6.88 -9.10
CA PHE A 63 -9.84 -7.38 -8.61
C PHE A 63 -8.83 -7.20 -9.73
N THR A 64 -8.42 -5.95 -9.89
CA THR A 64 -7.65 -5.53 -11.07
C THR A 64 -6.51 -4.61 -10.64
N LEU A 65 -5.46 -4.59 -11.46
CA LEU A 65 -4.36 -3.65 -11.26
C LEU A 65 -4.92 -2.22 -11.18
N GLY A 66 -4.50 -1.48 -10.15
CA GLY A 66 -4.99 -0.13 -9.94
C GLY A 66 -6.10 -0.01 -8.92
N ALA A 67 -6.71 -1.14 -8.55
CA ALA A 67 -7.80 -1.15 -7.57
C ALA A 67 -7.28 -1.19 -6.13
N VAL A 68 -8.10 -0.72 -5.20
CA VAL A 68 -7.73 -0.66 -3.79
C VAL A 68 -8.91 -1.10 -2.94
N GLN A 69 -8.62 -1.88 -1.90
CA GLN A 69 -9.59 -2.26 -0.87
C GLN A 69 -9.14 -1.66 0.45
N PHE A 70 -10.05 -0.95 1.12
CA PHE A 70 -9.75 -0.33 2.42
C PHE A 70 -10.42 -1.13 3.52
N VAL A 71 -9.64 -1.58 4.49
N VAL A 71 -9.64 -1.46 4.54
CA VAL A 71 -10.20 -2.32 5.62
CA VAL A 71 -10.02 -2.38 5.60
C VAL A 71 -9.86 -1.60 6.90
C VAL A 71 -9.79 -1.74 6.98
N ASN A 72 -10.84 -1.59 7.79
CA ASN A 72 -10.63 -1.07 9.13
C ASN A 72 -9.97 -2.15 9.99
N VAL A 73 -8.94 -1.78 10.73
CA VAL A 73 -8.31 -2.72 11.67
C VAL A 73 -8.40 -2.29 13.13
N GLU A 74 -8.53 -0.98 13.39
N GLU A 74 -8.33 -0.98 13.34
CA GLU A 74 -8.71 -0.45 14.76
CA GLU A 74 -8.50 -0.36 14.64
C GLU A 74 -9.46 0.88 14.74
C GLU A 74 -9.33 0.89 14.38
N ASN A 75 -9.90 1.39 15.90
N ASN A 75 -9.86 1.50 15.43
CA ASN A 75 -10.37 2.76 15.96
CA ASN A 75 -10.53 2.79 15.28
C ASN A 75 -9.29 3.63 15.31
C ASN A 75 -9.54 3.78 14.65
N LYS A 76 -9.70 4.33 14.25
N LYS A 76 -9.98 4.54 13.65
CA LYS A 76 -8.86 5.32 13.55
CA LYS A 76 -9.09 5.49 13.00
C LYS A 76 -7.69 4.74 12.72
C LYS A 76 -7.84 4.83 12.39
N LEU A 77 -7.84 3.50 12.24
CA LEU A 77 -6.74 2.83 11.53
C LEU A 77 -7.24 1.91 10.43
N TYR A 78 -6.79 2.16 9.21
CA TYR A 78 -7.19 1.39 8.04
C TYR A 78 -5.96 0.81 7.36
N VAL A 79 -6.15 -0.30 6.64
CA VAL A 79 -5.13 -0.83 5.75
C VAL A 79 -5.67 -0.78 4.33
N ALA A 80 -4.86 -0.28 3.40
CA ALA A 80 -5.22 -0.23 1.99
C ALA A 80 -4.47 -1.31 1.26
N ASN A 81 -5.20 -2.33 0.80
CA ASN A 81 -4.66 -3.41 -0.02
C ASN A 81 -4.69 -2.91 -1.47
N ILE A 83 -3.72 -3.18 -5.36
CA ILE A 83 -3.25 -4.15 -6.35
C ILE A 83 -2.32 -3.44 -7.34
N GLY A 84 -1.02 -3.62 -7.14
CA GLY A 84 -0.01 -2.87 -7.89
C GLY A 84 1.12 -3.66 -8.49
N GLN A 85 1.01 -4.99 -8.46
CA GLN A 85 1.99 -5.82 -9.11
C GLN A 85 1.33 -6.99 -9.82
N HIS A 86 1.90 -7.35 -10.96
CA HIS A 86 1.37 -8.39 -11.82
C HIS A 86 2.11 -9.68 -11.53
N GLY A 87 1.39 -10.67 -11.00
CA GLY A 87 1.98 -11.93 -10.60
C GLY A 87 2.90 -11.77 -9.41
N ILE A 88 3.65 -12.83 -9.11
N ILE A 88 3.67 -12.82 -9.11
CA ILE A 88 4.58 -12.86 -7.99
CA ILE A 88 4.61 -12.79 -7.99
C ILE A 88 6.03 -12.82 -8.50
C ILE A 88 6.07 -13.00 -8.42
N TYR A 89 6.25 -13.43 -9.66
CA TYR A 89 7.58 -13.54 -10.26
C TYR A 89 7.66 -12.76 -11.56
N LYS A 90 8.89 -12.49 -12.01
CA LYS A 90 9.11 -11.81 -13.30
CA LYS A 90 9.15 -11.84 -13.31
C LYS A 90 8.46 -12.59 -14.43
N ASP A 91 8.09 -11.88 -15.50
CA ASP A 91 7.48 -12.54 -16.67
C ASP A 91 8.53 -13.22 -17.56
N SER A 92 8.08 -13.77 -18.69
N SER A 92 8.08 -13.78 -18.68
CA SER A 92 8.93 -14.53 -19.60
CA SER A 92 8.93 -14.53 -19.60
C SER A 92 10.10 -13.75 -20.19
C SER A 92 10.13 -13.73 -20.12
N LYS A 93 9.93 -12.43 -20.30
CA LYS A 93 10.98 -11.55 -20.80
C LYS A 93 11.77 -10.84 -19.68
N GLY A 94 11.52 -11.29 -18.43
CA GLY A 94 12.30 -10.81 -17.29
C GLY A 94 11.79 -9.52 -16.68
N LEU A 95 10.61 -9.08 -17.10
CA LEU A 95 10.00 -7.88 -16.52
C LEU A 95 9.51 -8.18 -15.11
N PRO A 96 10.01 -7.42 -14.10
CA PRO A 96 9.59 -7.61 -12.71
C PRO A 96 8.09 -7.35 -12.51
N PRO A 97 7.48 -7.93 -11.45
CA PRO A 97 6.03 -7.77 -11.20
C PRO A 97 5.51 -6.33 -11.04
N ILE A 98 6.33 -5.43 -10.50
CA ILE A 98 5.86 -4.06 -10.19
C ILE A 98 5.23 -3.41 -11.43
N ARG A 99 4.11 -2.73 -11.22
CA ARG A 99 3.49 -1.94 -12.28
C ARG A 99 3.29 -0.52 -11.77
N TYR A 100 4.17 0.38 -12.19
CA TYR A 100 4.17 1.75 -11.66
C TYR A 100 2.88 2.49 -11.96
N ASP A 101 2.33 2.29 -13.15
CA ASP A 101 1.05 2.91 -13.49
C ASP A 101 -0.09 2.42 -12.61
N ALA A 102 -0.09 1.12 -12.31
CA ALA A 102 -1.07 0.56 -11.39
C ALA A 102 -0.93 1.16 -9.99
N VAL A 103 0.30 1.24 -9.49
CA VAL A 103 0.52 1.83 -8.17
C VAL A 103 0.03 3.27 -8.15
N ARG A 104 0.31 4.03 -9.20
CA ARG A 104 -0.16 5.41 -9.27
C ARG A 104 -1.69 5.47 -9.20
N GLN A 105 -2.36 4.60 -9.97
CA GLN A 105 -3.83 4.56 -9.94
C GLN A 105 -4.33 4.21 -8.54
N CYS A 106 -3.68 3.25 -7.89
CA CYS A 106 -4.03 2.93 -6.51
C CYS A 106 -3.89 4.14 -5.61
N LEU A 107 -2.78 4.87 -5.76
CA LEU A 107 -2.51 6.03 -4.91
C LEU A 107 -3.49 7.17 -5.17
N LYS A 108 -4.01 7.28 -6.39
CA LYS A 108 -5.08 8.27 -6.65
C LYS A 108 -6.31 7.96 -5.77
N GLU A 109 -6.63 6.68 -5.65
CA GLU A 109 -7.78 6.29 -4.83
C GLU A 109 -7.47 6.49 -3.33
N VAL A 110 -6.25 6.16 -2.92
CA VAL A 110 -5.82 6.43 -1.55
C VAL A 110 -5.88 7.93 -1.25
N ALA A 111 -5.51 8.77 -2.21
CA ALA A 111 -5.58 10.22 -1.99
C ALA A 111 -7.01 10.66 -1.65
N LEU A 112 -7.99 10.19 -2.41
CA LEU A 112 -9.38 10.56 -2.15
C LEU A 112 -9.85 10.05 -0.79
N PHE A 113 -9.49 8.81 -0.48
CA PHE A 113 -9.90 8.21 0.80
C PHE A 113 -9.29 8.97 1.99
N THR A 114 -7.99 9.26 1.91
N THR A 114 -7.99 9.26 1.90
N THR A 114 -8.00 9.25 1.88
CA THR A 114 -7.31 9.95 3.02
CA THR A 114 -7.28 9.93 2.99
CA THR A 114 -7.26 9.91 2.92
C THR A 114 -7.76 11.39 3.17
C THR A 114 -7.72 11.40 3.16
C THR A 114 -7.78 11.34 3.15
N ILE A 115 -8.06 12.05 2.06
CA ILE A 115 -8.63 13.40 2.14
C ILE A 115 -9.98 13.35 2.87
N ALA A 116 -10.83 12.41 2.47
CA ALA A 116 -12.18 12.28 3.06
C ALA A 116 -12.13 11.99 4.55
N HIS A 117 -11.14 11.19 4.96
CA HIS A 117 -11.03 10.76 6.35
CA HIS A 117 -10.97 10.73 6.33
C HIS A 117 -10.04 11.59 7.17
N LYS A 118 -9.50 12.66 6.56
CA LYS A 118 -8.51 13.54 7.20
C LYS A 118 -7.34 12.72 7.75
N ALA A 119 -6.89 11.76 6.94
CA ALA A 119 -5.93 10.77 7.39
C ALA A 119 -4.52 11.04 6.91
N SER A 120 -3.58 10.34 7.52
CA SER A 120 -2.19 10.29 7.05
C SER A 120 -1.87 8.89 6.55
N VAL A 121 -0.79 8.79 5.77
CA VAL A 121 -0.38 7.53 5.14
C VAL A 121 0.92 7.00 5.76
N HIS A 122 0.95 5.69 5.94
CA HIS A 122 2.05 4.99 6.59
C HIS A 122 2.38 3.77 5.75
N PRO A 124 5.58 0.71 4.29
CA PRO A 124 6.96 0.23 4.13
C PRO A 124 7.55 0.83 2.83
N ARG A 125 8.77 0.43 2.47
CA ARG A 125 9.34 0.85 1.18
CA ARG A 125 9.38 0.81 1.21
C ARG A 125 8.68 0.06 0.07
N ILE A 126 7.46 0.48 -0.28
N ILE A 126 7.49 0.53 -0.30
CA ILE A 126 6.59 -0.27 -1.17
CA ILE A 126 6.60 -0.14 -1.23
C ILE A 126 7.25 -0.52 -2.54
C ILE A 126 7.31 -0.51 -2.55
N GLY A 127 7.16 -1.76 -2.99
CA GLY A 127 7.76 -2.18 -4.28
C GLY A 127 9.20 -2.65 -4.25
N CYS A 128 9.94 -2.33 -3.19
N CYS A 128 9.92 -2.32 -3.16
CA CYS A 128 11.34 -2.73 -3.06
CA CYS A 128 11.31 -2.73 -2.99
C CYS A 128 11.46 -4.20 -2.71
C CYS A 128 11.38 -4.25 -2.81
N GLY A 129 12.45 -4.85 -3.30
CA GLY A 129 12.67 -6.29 -3.10
C GLY A 129 12.19 -7.06 -4.30
N LEU A 130 11.40 -8.11 -4.03
CA LEU A 130 11.04 -9.06 -5.07
C LEU A 130 10.12 -8.50 -6.17
N ALA A 131 9.32 -7.49 -5.83
CA ALA A 131 8.48 -6.82 -6.85
C ALA A 131 9.31 -6.08 -7.89
N GLY A 132 10.54 -5.72 -7.53
CA GLY A 132 11.48 -5.10 -8.48
C GLY A 132 11.35 -3.60 -8.66
N GLY A 133 10.66 -2.94 -7.73
CA GLY A 133 10.51 -1.49 -7.79
C GLY A 133 11.79 -0.73 -7.49
N LYS A 134 11.94 0.43 -8.15
N LYS A 134 11.95 0.40 -8.18
CA LYS A 134 13.08 1.31 -7.93
CA LYS A 134 13.05 1.33 -7.95
C LYS A 134 12.62 2.53 -7.12
C LYS A 134 12.52 2.44 -7.06
N TRP A 135 13.14 2.63 -5.90
CA TRP A 135 12.68 3.64 -4.95
C TRP A 135 12.65 5.06 -5.51
N GLU A 136 13.68 5.42 -6.27
N GLU A 136 13.62 5.43 -6.34
CA GLU A 136 13.80 6.77 -6.84
CA GLU A 136 13.62 6.75 -6.96
C GLU A 136 12.62 7.13 -7.73
C GLU A 136 12.28 7.05 -7.68
N LEU A 137 11.99 6.11 -8.30
N LEU A 137 11.85 6.13 -8.54
CA LEU A 137 10.81 6.30 -9.12
CA LEU A 137 10.59 6.27 -9.27
C LEU A 137 9.53 6.28 -8.28
C LEU A 137 9.39 6.22 -8.34
N GLU A 139 9.17 6.85 -5.17
CA GLU A 139 9.11 8.04 -4.32
C GLU A 139 8.49 9.22 -5.06
N GLN A 140 8.82 9.37 -6.33
CA GLN A 140 8.30 10.48 -7.14
C GLN A 140 6.78 10.36 -7.29
N ILE A 141 6.29 9.15 -7.52
CA ILE A 141 4.86 8.91 -7.62
C ILE A 141 4.15 9.26 -6.31
N ILE A 142 4.72 8.84 -5.18
CA ILE A 142 4.19 9.13 -3.86
C ILE A 142 4.15 10.63 -3.59
N LYS A 143 5.22 11.35 -3.95
CA LYS A 143 5.26 12.79 -3.79
C LYS A 143 4.10 13.42 -4.55
N GLU A 144 3.94 13.04 -5.81
CA GLU A 144 2.93 13.64 -6.65
C GLU A 144 1.52 13.35 -6.18
N GLU A 145 1.25 12.09 -5.82
CA GLU A 145 -0.13 11.69 -5.53
C GLU A 145 -0.58 11.99 -4.12
N LEU A 146 0.34 12.13 -3.17
CA LEU A 146 -0.02 12.33 -1.76
C LEU A 146 0.55 13.60 -1.16
N ILE A 147 1.87 13.73 -1.19
CA ILE A 147 2.53 14.84 -0.50
C ILE A 147 2.05 16.21 -0.98
N THR A 148 1.87 16.35 -2.29
CA THR A 148 1.48 17.65 -2.85
C THR A 148 0.07 18.09 -2.48
N LYS A 149 -0.72 17.18 -1.93
CA LYS A 149 -2.08 17.49 -1.47
CA LYS A 149 -2.09 17.43 -1.47
C LYS A 149 -2.13 17.64 0.04
N GLU A 150 -0.95 17.78 0.64
CA GLU A 150 -0.81 17.97 2.09
C GLU A 150 -1.28 16.74 2.87
N ILE A 151 -1.15 15.57 2.26
CA ILE A 151 -1.34 14.31 2.97
CA ILE A 151 -1.33 14.30 2.95
C ILE A 151 0.03 13.87 3.48
N ALA A 152 0.16 13.75 4.80
CA ALA A 152 1.42 13.32 5.40
C ALA A 152 1.69 11.86 5.01
N VAL A 153 2.96 11.57 4.73
CA VAL A 153 3.40 10.21 4.39
C VAL A 153 4.62 9.87 5.22
N THR A 154 4.57 8.73 5.91
CA THR A 154 5.70 8.19 6.65
C THR A 154 6.10 6.85 6.07
N VAL A 155 7.38 6.72 5.74
CA VAL A 155 7.96 5.48 5.22
C VAL A 155 8.81 4.89 6.33
N TYR A 156 8.59 3.60 6.58
CA TYR A 156 9.20 2.89 7.70
C TYR A 156 10.29 1.96 7.19
N ASP A 157 11.53 2.22 7.61
CA ASP A 157 12.69 1.43 7.23
C ASP A 157 12.89 0.31 8.24
N LEU A 158 13.00 -0.92 7.74
CA LEU A 158 13.09 -2.14 8.55
C LEU A 158 13.12 -3.30 7.57
#